data_4E08
#
_entry.id   4E08
#
_cell.length_a   52.520
_cell.length_b   52.520
_cell.length_c   227.173
_cell.angle_alpha   90.00
_cell.angle_beta   90.00
_cell.angle_gamma   120.00
#
_symmetry.space_group_name_H-M   'P 32 2 1'
#
loop_
_entity.id
_entity.type
_entity.pdbx_description
1 polymer 'DJ-1 beta'
2 non-polymer 'SULFATE ION'
3 water water
#
_entity_poly.entity_id   1
_entity_poly.type   'polypeptide(L)'
_entity_poly.pdbx_seq_one_letter_code
;GSHMSKSALVILAPGAEEMEFIIAADVLRRAGIKVTVAGLNGGEAVKCSRDVQILPDTSLAQVASDKFDVVVLPGGLGGS
NAMGESSLVGDLLRSQESGGGLIAAICAAPTVLAKHGVASGKSLTSYPSMKPQLVNNYSYVDDKTVVKDGNLITSRGPGT
AYEFALKIAEELAGKEKVQEVAKGLLVAYN
;
_entity_poly.pdbx_strand_id   A,B
#
loop_
_chem_comp.id
_chem_comp.type
_chem_comp.name
_chem_comp.formula
SO4 non-polymer 'SULFATE ION' 'O4 S -2'
#
# COMPACT_ATOMS: atom_id res chain seq x y z
N MET A 4 -24.63 9.18 -11.32
CA MET A 4 -24.17 10.14 -10.28
C MET A 4 -22.87 9.69 -9.60
N SER A 5 -22.69 8.38 -9.44
CA SER A 5 -21.48 7.82 -8.84
C SER A 5 -21.26 6.36 -9.22
N LYS A 6 -20.01 5.92 -9.12
CA LYS A 6 -19.65 4.55 -9.39
C LYS A 6 -19.18 3.92 -8.09
N SER A 7 -19.38 2.61 -7.98
CA SER A 7 -19.05 1.90 -6.77
C SER A 7 -18.00 0.82 -6.99
N ALA A 8 -17.29 0.46 -5.91
CA ALA A 8 -16.39 -0.67 -6.00
C ALA A 8 -16.46 -1.48 -4.72
N LEU A 9 -16.60 -2.79 -4.88
CA LEU A 9 -16.54 -3.69 -3.75
C LEU A 9 -15.13 -4.25 -3.68
N VAL A 10 -14.43 -3.97 -2.59
CA VAL A 10 -13.10 -4.54 -2.41
C VAL A 10 -13.13 -5.58 -1.30
N ILE A 11 -12.86 -6.84 -1.66
CA ILE A 11 -13.00 -7.93 -0.67
C ILE A 11 -11.72 -8.13 0.10
N LEU A 12 -11.81 -8.02 1.43
CA LEU A 12 -10.64 -8.11 2.29
C LEU A 12 -10.62 -9.46 3.00
N ALA A 13 -9.65 -10.29 2.66
CA ALA A 13 -9.61 -11.64 3.23
C ALA A 13 -8.37 -11.91 4.06
N PRO A 14 -8.49 -12.78 5.06
CA PRO A 14 -7.32 -13.12 5.84
C PRO A 14 -6.21 -13.60 4.93
N GLY A 15 -5.01 -13.06 5.13
CA GLY A 15 -3.84 -13.43 4.38
C GLY A 15 -3.71 -12.65 3.09
N ALA A 16 -4.54 -11.61 2.92
CA ALA A 16 -4.46 -10.71 1.74
C ALA A 16 -3.11 -10.00 1.70
N GLU A 17 -2.66 -9.74 0.50
CA GLU A 17 -1.54 -8.82 0.30
C GLU A 17 -2.02 -7.37 0.53
N GLU A 18 -1.72 -6.88 1.72
CA GLU A 18 -2.13 -5.57 2.19
C GLU A 18 -1.75 -4.40 1.27
N MET A 19 -0.58 -4.48 0.62
CA MET A 19 -0.14 -3.42 -0.31
C MET A 19 -1.09 -3.37 -1.46
N GLU A 20 -1.31 -4.52 -2.10
CA GLU A 20 -2.22 -4.60 -3.24
C GLU A 20 -3.62 -4.09 -2.88
N PHE A 21 -4.14 -4.61 -1.77
CA PHE A 21 -5.42 -4.17 -1.19
C PHE A 21 -5.50 -2.64 -1.00
N ILE A 22 -4.50 -2.09 -0.31
CA ILE A 22 -4.54 -0.69 0.14
C ILE A 22 -4.45 0.23 -1.09
N ILE A 23 -3.63 -0.16 -2.05
CA ILE A 23 -3.51 0.60 -3.30
C ILE A 23 -4.82 0.67 -4.09
N ALA A 24 -5.48 -0.46 -4.32
CA ALA A 24 -6.80 -0.53 -4.94
C ALA A 24 -7.84 0.27 -4.13
N ALA A 25 -7.93 0.09 -2.82
CA ALA A 25 -8.90 0.91 -2.07
C ALA A 25 -8.63 2.40 -2.16
N ASP A 26 -7.36 2.79 -2.01
CA ASP A 26 -7.01 4.18 -1.79
C ASP A 26 -7.08 4.89 -3.15
N VAL A 27 -6.57 4.25 -4.21
CA VAL A 27 -6.58 4.85 -5.55
C VAL A 27 -8.03 5.03 -6.06
N LEU A 28 -8.88 4.06 -5.75
CA LEU A 28 -10.26 4.11 -6.19
C LEU A 28 -11.02 5.26 -5.52
N ARG A 29 -10.76 5.45 -4.23
CA ARG A 29 -11.30 6.58 -3.48
C ARG A 29 -10.81 7.92 -4.00
N ARG A 30 -9.52 8.01 -4.33
CA ARG A 30 -8.93 9.23 -4.94
C ARG A 30 -9.66 9.61 -6.20
N ALA A 31 -10.08 8.60 -6.98
CA ALA A 31 -10.69 8.83 -8.29
C ALA A 31 -12.20 9.08 -8.18
N GLY A 32 -12.72 9.13 -6.95
CA GLY A 32 -14.09 9.63 -6.72
C GLY A 32 -15.09 8.48 -6.67
N ILE A 33 -14.54 7.28 -6.56
CA ILE A 33 -15.31 6.08 -6.56
C ILE A 33 -15.69 5.73 -5.13
N LYS A 34 -16.91 5.28 -4.96
CA LYS A 34 -17.44 4.83 -3.70
C LYS A 34 -17.00 3.39 -3.40
N VAL A 35 -15.98 3.29 -2.55
CA VAL A 35 -15.40 1.99 -2.19
C VAL A 35 -15.96 1.45 -0.88
N THR A 36 -16.51 0.24 -0.98
CA THR A 36 -16.82 -0.57 0.20
C THR A 36 -15.78 -1.65 0.43
N VAL A 37 -15.17 -1.63 1.59
CA VAL A 37 -14.23 -2.67 1.96
C VAL A 37 -15.04 -3.67 2.79
N ALA A 38 -15.18 -4.88 2.24
CA ALA A 38 -16.01 -5.93 2.82
C ALA A 38 -15.09 -7.05 3.34
N GLY A 39 -15.09 -7.26 4.64
CA GLY A 39 -14.33 -8.36 5.24
C GLY A 39 -14.91 -9.71 4.83
N LEU A 40 -14.04 -10.65 4.46
CA LEU A 40 -14.54 -11.93 3.94
C LEU A 40 -15.44 -12.66 4.95
N ASN A 41 -14.99 -12.79 6.20
CA ASN A 41 -15.69 -13.62 7.17
C ASN A 41 -16.51 -12.87 8.22
N GLY A 42 -16.58 -11.55 8.09
CA GLY A 42 -17.23 -10.73 9.12
C GLY A 42 -16.76 -9.28 9.09
N GLY A 43 -17.11 -8.52 10.13
CA GLY A 43 -16.72 -7.13 10.23
C GLY A 43 -15.45 -6.89 11.06
N GLU A 44 -14.84 -7.97 11.52
CA GLU A 44 -13.64 -7.90 12.35
C GLU A 44 -12.36 -7.55 11.57
N ALA A 45 -11.36 -7.06 12.29
CA ALA A 45 -10.05 -6.74 11.69
C ALA A 45 -9.49 -7.95 10.95
N VAL A 46 -8.90 -7.71 9.78
CA VAL A 46 -8.35 -8.80 8.95
C VAL A 46 -6.84 -8.74 9.04
N LYS A 47 -6.22 -9.86 9.39
CA LYS A 47 -4.76 -9.98 9.45
C LYS A 47 -4.21 -10.38 8.07
N CYS A 48 -3.46 -9.46 7.48
CA CYS A 48 -2.97 -9.62 6.13
C CYS A 48 -1.64 -10.41 6.10
N SER A 49 -1.09 -10.56 4.90
CA SER A 49 0.04 -11.46 4.66
C SER A 49 1.31 -11.09 5.38
N ARG A 50 1.54 -9.81 5.67
CA ARG A 50 2.71 -9.39 6.41
C ARG A 50 2.28 -8.86 7.77
N ASP A 51 1.19 -9.44 8.28
CA ASP A 51 0.74 -9.21 9.66
C ASP A 51 0.18 -7.80 9.96
N VAL A 52 -0.08 -6.99 8.94
CA VAL A 52 -0.81 -5.73 9.12
C VAL A 52 -2.28 -6.08 9.25
N GLN A 53 -2.91 -5.54 10.29
CA GLN A 53 -4.35 -5.73 10.56
C GLN A 53 -5.20 -4.55 10.15
N ILE A 54 -6.25 -4.84 9.42
CA ILE A 54 -7.01 -3.77 8.78
C ILE A 54 -8.46 -3.96 9.12
N LEU A 55 -9.11 -2.90 9.56
CA LEU A 55 -10.56 -2.91 9.78
C LEU A 55 -11.32 -2.74 8.50
N PRO A 56 -12.19 -3.72 8.16
CA PRO A 56 -13.08 -3.52 7.02
C PRO A 56 -14.17 -2.50 7.35
N ASP A 57 -14.85 -1.99 6.31
CA ASP A 57 -15.97 -1.08 6.51
C ASP A 57 -17.18 -1.87 7.04
N THR A 58 -17.34 -3.08 6.51
CA THR A 58 -18.45 -3.96 6.84
C THR A 58 -18.08 -5.41 6.45
N SER A 59 -18.98 -6.36 6.63
CA SER A 59 -18.77 -7.75 6.16
C SER A 59 -19.23 -8.00 4.70
N LEU A 60 -18.65 -9.00 4.05
CA LEU A 60 -19.10 -9.40 2.71
C LEU A 60 -20.59 -9.76 2.78
N ALA A 61 -20.95 -10.50 3.83
CA ALA A 61 -22.32 -10.98 3.97
C ALA A 61 -23.30 -9.80 3.98
N GLN A 62 -22.89 -8.70 4.59
CA GLN A 62 -23.82 -7.57 4.75
C GLN A 62 -24.03 -6.79 3.44
N VAL A 63 -23.15 -6.98 2.48
CA VAL A 63 -23.37 -6.34 1.18
C VAL A 63 -23.66 -7.35 0.08
N ALA A 64 -24.05 -8.56 0.47
CA ALA A 64 -24.40 -9.59 -0.52
C ALA A 64 -25.63 -9.30 -1.38
N SER A 65 -26.47 -8.33 -1.00
CA SER A 65 -27.63 -8.02 -1.89
C SER A 65 -27.41 -6.75 -2.74
N ASP A 66 -26.20 -6.20 -2.68
CA ASP A 66 -25.89 -4.93 -3.34
C ASP A 66 -25.16 -5.15 -4.66
N LYS A 67 -25.32 -4.20 -5.58
CA LYS A 67 -24.65 -4.22 -6.87
C LYS A 67 -23.48 -3.24 -6.86
N PHE A 68 -22.39 -3.62 -7.49
CA PHE A 68 -21.21 -2.80 -7.49
C PHE A 68 -20.71 -2.76 -8.92
N ASP A 69 -20.25 -1.60 -9.36
CA ASP A 69 -19.76 -1.49 -10.74
C ASP A 69 -18.49 -2.33 -10.92
N VAL A 70 -17.79 -2.60 -9.82
CA VAL A 70 -16.63 -3.47 -9.89
C VAL A 70 -16.44 -4.24 -8.60
N VAL A 71 -16.03 -5.50 -8.74
CA VAL A 71 -15.69 -6.36 -7.66
C VAL A 71 -14.18 -6.60 -7.74
N VAL A 72 -13.46 -6.17 -6.72
CA VAL A 72 -11.99 -6.18 -6.75
C VAL A 72 -11.43 -7.26 -5.84
N LEU A 73 -10.53 -8.09 -6.39
CA LEU A 73 -9.95 -9.17 -5.61
C LEU A 73 -8.49 -8.91 -5.40
N PRO A 74 -8.08 -8.46 -4.19
CA PRO A 74 -6.65 -8.31 -3.96
C PRO A 74 -5.99 -9.70 -4.02
N GLY A 75 -4.67 -9.77 -4.28
CA GLY A 75 -3.95 -11.06 -4.24
C GLY A 75 -3.39 -11.46 -2.88
N GLY A 76 -2.22 -12.10 -2.89
CA GLY A 76 -1.73 -12.82 -1.68
C GLY A 76 -2.27 -14.23 -1.65
N LEU A 77 -1.38 -15.21 -1.53
CA LEU A 77 -1.76 -16.61 -1.55
C LEU A 77 -2.91 -16.99 -0.59
N GLY A 78 -2.80 -16.61 0.69
CA GLY A 78 -3.80 -16.93 1.68
C GLY A 78 -5.15 -16.24 1.48
N GLY A 79 -5.10 -14.98 1.03
CA GLY A 79 -6.35 -14.23 0.77
C GLY A 79 -7.03 -14.84 -0.43
N SER A 80 -6.21 -15.16 -1.43
CA SER A 80 -6.74 -15.80 -2.61
C SER A 80 -7.28 -17.23 -2.32
N ASN A 81 -6.53 -18.04 -1.58
CA ASN A 81 -7.06 -19.34 -1.11
C ASN A 81 -8.42 -19.24 -0.36
N ALA A 82 -8.54 -18.25 0.54
CA ALA A 82 -9.79 -18.02 1.27
C ALA A 82 -10.94 -17.63 0.36
N MET A 83 -10.70 -16.75 -0.60
CA MET A 83 -11.75 -16.33 -1.54
C MET A 83 -12.16 -17.46 -2.47
N GLY A 84 -11.17 -18.28 -2.84
CA GLY A 84 -11.40 -19.46 -3.66
C GLY A 84 -12.22 -20.54 -2.98
N GLU A 85 -12.14 -20.63 -1.65
CA GLU A 85 -12.96 -21.57 -0.89
C GLU A 85 -14.34 -21.05 -0.49
N SER A 86 -14.56 -19.74 -0.61
CA SER A 86 -15.79 -19.09 -0.16
C SER A 86 -16.92 -19.27 -1.16
N SER A 87 -17.99 -19.96 -0.77
CA SER A 87 -19.16 -20.03 -1.66
C SER A 87 -19.78 -18.64 -1.95
N LEU A 88 -19.72 -17.77 -0.96
CA LEU A 88 -20.20 -16.40 -1.14
C LEU A 88 -19.46 -15.59 -2.22
N VAL A 89 -18.12 -15.63 -2.21
CA VAL A 89 -17.33 -15.03 -3.29
C VAL A 89 -17.74 -15.59 -4.66
N GLY A 90 -17.83 -16.92 -4.78
CA GLY A 90 -18.37 -17.58 -6.00
C GLY A 90 -19.72 -17.03 -6.46
N ASP A 91 -20.71 -16.96 -5.56
CA ASP A 91 -22.05 -16.42 -5.95
C ASP A 91 -21.97 -15.00 -6.43
N LEU A 92 -21.16 -14.19 -5.74
CA LEU A 92 -21.08 -12.79 -6.05
C LEU A 92 -20.34 -12.57 -7.37
N LEU A 93 -19.34 -13.40 -7.63
CA LEU A 93 -18.60 -13.30 -8.88
C LEU A 93 -19.46 -13.73 -10.09
N ARG A 94 -20.16 -14.85 -9.97
CA ARG A 94 -21.08 -15.27 -11.03
C ARG A 94 -22.15 -14.20 -11.30
N SER A 95 -22.63 -13.55 -10.24
CA SER A 95 -23.63 -12.45 -10.36
C SER A 95 -23.03 -11.26 -11.12
N GLN A 96 -21.80 -10.86 -10.75
CA GLN A 96 -21.12 -9.76 -11.41
C GLN A 96 -20.88 -10.05 -12.90
N GLU A 97 -20.46 -11.28 -13.21
CA GLU A 97 -20.25 -11.68 -14.61
C GLU A 97 -21.54 -11.62 -15.42
N SER A 98 -22.66 -12.08 -14.85
CA SER A 98 -23.92 -12.13 -15.60
C SER A 98 -24.60 -10.78 -15.76
N GLY A 99 -24.31 -9.81 -14.89
CA GLY A 99 -24.78 -8.44 -15.07
C GLY A 99 -23.83 -7.56 -15.88
N GLY A 100 -22.81 -8.15 -16.48
CA GLY A 100 -21.83 -7.40 -17.27
C GLY A 100 -21.05 -6.38 -16.45
N GLY A 101 -20.93 -6.60 -15.13
CA GLY A 101 -20.16 -5.72 -14.25
C GLY A 101 -18.68 -6.07 -14.34
N LEU A 102 -17.81 -5.14 -14.00
CA LEU A 102 -16.36 -5.37 -14.01
C LEU A 102 -15.88 -6.34 -12.94
N ILE A 103 -14.98 -7.25 -13.31
CA ILE A 103 -14.22 -8.02 -12.31
C ILE A 103 -12.73 -7.73 -12.46
N ALA A 104 -12.07 -7.53 -11.33
CA ALA A 104 -10.69 -7.10 -11.32
C ALA A 104 -9.94 -7.95 -10.30
N ALA A 105 -8.87 -8.62 -10.73
CA ALA A 105 -8.05 -9.48 -9.86
C ALA A 105 -6.55 -9.36 -10.12
N ILE A 106 -5.78 -9.23 -9.05
CA ILE A 106 -4.35 -9.04 -9.15
C ILE A 106 -3.60 -10.15 -8.41
N CYS A 107 -2.44 -10.53 -8.94
CA CYS A 107 -1.42 -11.38 -8.26
C CYS A 107 -1.86 -12.86 -8.22
N ALA A 108 -2.13 -13.44 -7.06
CA ALA A 108 -2.66 -14.82 -7.05
C ALA A 108 -4.18 -14.86 -7.25
N ALA A 109 -4.86 -13.73 -7.10
CA ALA A 109 -6.34 -13.72 -7.09
C ALA A 109 -7.04 -14.20 -8.35
N PRO A 110 -6.40 -14.09 -9.55
CA PRO A 110 -7.14 -14.68 -10.67
C PRO A 110 -7.39 -16.19 -10.53
N THR A 111 -6.66 -16.90 -9.64
CA THR A 111 -6.98 -18.34 -9.39
C THR A 111 -8.37 -18.51 -8.76
N VAL A 112 -8.90 -17.43 -8.17
CA VAL A 112 -10.25 -17.42 -7.57
C VAL A 112 -11.26 -17.55 -8.69
N LEU A 113 -10.97 -16.94 -9.83
CA LEU A 113 -11.83 -17.05 -10.99
C LEU A 113 -11.88 -18.52 -11.45
N ALA A 114 -10.70 -19.13 -11.57
CA ALA A 114 -10.58 -20.52 -12.02
C ALA A 114 -11.32 -21.45 -11.06
N LYS A 115 -11.09 -21.24 -9.76
CA LYS A 115 -11.69 -22.03 -8.68
C LYS A 115 -13.24 -21.96 -8.74
N HIS A 116 -13.81 -20.79 -9.06
CA HIS A 116 -15.28 -20.64 -9.16
C HIS A 116 -15.88 -20.75 -10.57
N GLY A 117 -15.11 -21.18 -11.56
CA GLY A 117 -15.58 -21.33 -12.96
C GLY A 117 -16.00 -20.03 -13.65
N VAL A 118 -15.33 -18.94 -13.33
CA VAL A 118 -15.71 -17.62 -13.85
C VAL A 118 -14.78 -17.14 -14.96
N ALA A 119 -15.39 -16.58 -16.02
CA ALA A 119 -14.65 -15.88 -17.09
C ALA A 119 -13.75 -16.79 -17.92
N SER A 120 -14.13 -18.07 -18.07
CA SER A 120 -13.39 -19.03 -18.89
C SER A 120 -13.15 -18.49 -20.29
N GLY A 121 -11.96 -18.76 -20.83
CA GLY A 121 -11.66 -18.40 -22.22
C GLY A 121 -11.18 -16.97 -22.39
N LYS A 122 -11.27 -16.17 -21.32
CA LYS A 122 -10.77 -14.81 -21.35
C LYS A 122 -9.26 -14.76 -21.23
N SER A 123 -8.68 -13.67 -21.70
CA SER A 123 -7.28 -13.38 -21.46
C SER A 123 -7.08 -12.84 -20.05
N LEU A 124 -6.03 -13.32 -19.37
CA LEU A 124 -5.63 -12.77 -18.09
C LEU A 124 -4.13 -12.93 -17.85
N THR A 125 -3.62 -12.23 -16.85
CA THR A 125 -2.30 -12.53 -16.32
C THR A 125 -2.44 -12.74 -14.78
N SER A 126 -1.33 -12.93 -14.08
CA SER A 126 -1.30 -13.22 -12.63
C SER A 126 0.11 -13.09 -12.18
N TYR A 127 0.32 -13.21 -10.86
CA TYR A 127 1.64 -13.44 -10.34
C TYR A 127 2.25 -14.64 -11.10
N PRO A 128 3.52 -14.54 -11.56
CA PRO A 128 4.13 -15.58 -12.44
C PRO A 128 4.00 -17.01 -11.93
N SER A 129 4.24 -17.23 -10.65
CA SER A 129 4.21 -18.60 -10.08
C SER A 129 2.82 -19.28 -10.12
N MET A 130 1.76 -18.52 -10.40
CA MET A 130 0.39 -19.07 -10.53
C MET A 130 -0.02 -19.45 -11.96
N LYS A 131 0.84 -19.13 -12.92
CA LYS A 131 0.54 -19.43 -14.31
C LYS A 131 0.06 -20.88 -14.58
N PRO A 132 0.72 -21.93 -13.99
CA PRO A 132 0.24 -23.26 -14.35
C PRO A 132 -1.19 -23.59 -13.86
N GLN A 133 -1.76 -22.78 -12.97
CA GLN A 133 -3.17 -22.93 -12.59
C GLN A 133 -4.11 -22.20 -13.58
N LEU A 134 -3.55 -21.37 -14.45
CA LEU A 134 -4.36 -20.48 -15.27
C LEU A 134 -4.18 -20.65 -16.79
N VAL A 135 -3.50 -21.72 -17.23
CA VAL A 135 -3.29 -21.93 -18.68
C VAL A 135 -4.34 -22.83 -19.36
N ASN A 136 -5.03 -23.66 -18.57
CA ASN A 136 -5.96 -24.65 -19.12
C ASN A 136 -7.28 -24.05 -19.61
N ASN A 137 -7.78 -23.02 -18.93
CA ASN A 137 -9.09 -22.45 -19.27
C ASN A 137 -9.13 -20.96 -19.58
N TYR A 138 -7.95 -20.37 -19.78
CA TYR A 138 -7.76 -18.94 -20.04
C TYR A 138 -6.61 -18.84 -21.02
N SER A 139 -6.56 -17.76 -21.80
CA SER A 139 -5.34 -17.44 -22.54
C SER A 139 -4.43 -16.64 -21.60
N TYR A 140 -3.37 -17.29 -21.12
CA TYR A 140 -2.42 -16.62 -20.22
C TYR A 140 -1.50 -15.61 -20.95
N VAL A 141 -1.45 -14.38 -20.44
CA VAL A 141 -0.56 -13.34 -20.94
C VAL A 141 0.70 -13.20 -20.08
N ASP A 142 1.84 -13.48 -20.72
CA ASP A 142 3.16 -13.46 -20.07
C ASP A 142 3.83 -12.09 -20.02
N ASP A 143 3.39 -11.18 -20.88
CA ASP A 143 4.20 -10.01 -21.21
C ASP A 143 3.52 -8.68 -20.95
N LYS A 144 2.45 -8.68 -20.13
CA LYS A 144 1.74 -7.44 -19.81
C LYS A 144 1.61 -7.27 -18.30
N THR A 145 1.76 -6.04 -17.84
CA THR A 145 1.65 -5.76 -16.41
C THR A 145 0.16 -5.77 -16.00
N VAL A 146 -0.70 -5.37 -16.92
CA VAL A 146 -2.17 -5.34 -16.70
C VAL A 146 -2.85 -5.85 -17.95
N VAL A 147 -3.86 -6.70 -17.78
CA VAL A 147 -4.63 -7.20 -18.94
C VAL A 147 -6.10 -6.90 -18.80
N LYS A 148 -6.69 -6.39 -19.86
CA LYS A 148 -8.12 -6.18 -19.86
C LYS A 148 -8.73 -6.90 -21.03
N ASP A 149 -9.69 -7.76 -20.72
CA ASP A 149 -10.45 -8.48 -21.74
C ASP A 149 -11.95 -8.44 -21.41
N GLY A 150 -12.73 -7.64 -22.15
CA GLY A 150 -14.16 -7.42 -21.84
C GLY A 150 -14.33 -6.88 -20.41
N ASN A 151 -15.06 -7.60 -19.56
CA ASN A 151 -15.24 -7.17 -18.18
C ASN A 151 -14.16 -7.64 -17.18
N LEU A 152 -13.09 -8.24 -17.68
CA LEU A 152 -12.07 -8.73 -16.80
C LEU A 152 -10.77 -7.93 -16.89
N ILE A 153 -10.33 -7.44 -15.75
CA ILE A 153 -9.05 -6.77 -15.63
C ILE A 153 -8.29 -7.62 -14.64
N THR A 154 -7.10 -8.05 -15.03
CA THR A 154 -6.18 -8.75 -14.15
C THR A 154 -4.75 -8.16 -14.18
N SER A 155 -3.94 -8.53 -13.21
CA SER A 155 -2.62 -7.90 -13.03
C SER A 155 -1.71 -8.80 -12.19
N ARG A 156 -0.43 -8.42 -12.12
CA ARG A 156 0.63 -9.38 -11.76
C ARG A 156 1.07 -9.39 -10.30
N GLY A 157 1.17 -8.21 -9.68
CA GLY A 157 1.59 -8.20 -8.28
C GLY A 157 1.86 -6.80 -7.76
N PRO A 158 2.62 -6.70 -6.65
CA PRO A 158 2.82 -5.38 -6.04
C PRO A 158 3.39 -4.32 -7.01
N GLY A 159 4.37 -4.69 -7.83
CA GLY A 159 4.97 -3.75 -8.76
C GLY A 159 3.99 -3.31 -9.83
N THR A 160 2.87 -4.00 -9.97
CA THR A 160 1.88 -3.62 -10.96
C THR A 160 0.58 -3.08 -10.35
N ALA A 161 0.51 -2.98 -9.00
CA ALA A 161 -0.74 -2.62 -8.33
C ALA A 161 -1.22 -1.18 -8.55
N TYR A 162 -0.30 -0.22 -8.69
CA TYR A 162 -0.74 1.13 -9.01
C TYR A 162 -1.36 1.15 -10.39
N GLU A 163 -0.73 0.49 -11.37
CA GLU A 163 -1.25 0.49 -12.72
C GLU A 163 -2.62 -0.21 -12.80
N PHE A 164 -2.73 -1.31 -12.08
CA PHE A 164 -3.96 -2.08 -11.91
C PHE A 164 -5.12 -1.21 -11.36
N ALA A 165 -4.86 -0.52 -10.25
CA ALA A 165 -5.88 0.34 -9.64
C ALA A 165 -6.27 1.47 -10.56
N LEU A 166 -5.28 2.14 -11.15
CA LEU A 166 -5.54 3.22 -12.13
C LEU A 166 -6.34 2.74 -13.35
N LYS A 167 -6.12 1.50 -13.79
CA LYS A 167 -6.87 0.98 -14.95
C LYS A 167 -8.33 0.76 -14.55
N ILE A 168 -8.58 0.17 -13.37
CA ILE A 168 -9.95 0.05 -12.88
C ILE A 168 -10.58 1.44 -12.81
N ALA A 169 -9.86 2.37 -12.19
CA ALA A 169 -10.37 3.74 -12.00
C ALA A 169 -10.76 4.40 -13.32
N GLU A 170 -9.93 4.18 -14.33
CA GLU A 170 -10.14 4.76 -15.63
C GLU A 170 -11.44 4.29 -16.28
N GLU A 171 -11.84 3.04 -16.05
CA GLU A 171 -13.09 2.53 -16.64
C GLU A 171 -14.33 3.13 -16.01
N LEU A 172 -14.25 3.41 -14.71
CA LEU A 172 -15.39 3.92 -13.97
C LEU A 172 -15.46 5.45 -13.95
N ALA A 173 -14.30 6.11 -13.87
CA ALA A 173 -14.26 7.56 -13.62
C ALA A 173 -13.75 8.38 -14.82
N GLY A 174 -13.13 7.70 -15.78
CA GLY A 174 -12.70 8.37 -17.01
C GLY A 174 -11.23 8.77 -17.03
N LYS A 175 -10.78 9.11 -18.23
CA LYS A 175 -9.38 9.39 -18.55
C LYS A 175 -8.86 10.58 -17.77
N GLU A 176 -9.51 11.71 -17.96
CA GLU A 176 -9.15 12.97 -17.32
C GLU A 176 -9.00 12.82 -15.80
N LYS A 177 -10.04 12.31 -15.15
CA LYS A 177 -9.97 12.10 -13.70
C LYS A 177 -8.70 11.29 -13.32
N VAL A 178 -8.46 10.18 -14.02
CA VAL A 178 -7.34 9.29 -13.67
C VAL A 178 -5.99 9.92 -13.95
N GLN A 179 -5.95 10.80 -14.95
CA GLN A 179 -4.73 11.57 -15.25
C GLN A 179 -4.37 12.49 -14.08
N GLU A 180 -5.39 13.17 -13.53
CA GLU A 180 -5.18 14.05 -12.40
C GLU A 180 -4.84 13.24 -11.14
N VAL A 181 -5.47 12.08 -11.02
CA VAL A 181 -5.20 11.20 -9.89
C VAL A 181 -3.75 10.68 -9.96
N ALA A 182 -3.35 10.15 -11.11
CA ALA A 182 -1.99 9.67 -11.34
C ALA A 182 -0.92 10.75 -11.13
N LYS A 183 -1.21 11.97 -11.60
CA LYS A 183 -0.30 13.10 -11.40
C LYS A 183 -0.07 13.34 -9.90
N GLY A 184 -1.14 13.34 -9.12
CA GLY A 184 -1.05 13.56 -7.68
C GLY A 184 -0.30 12.43 -6.96
N LEU A 185 -0.42 11.20 -7.47
CA LEU A 185 0.32 10.02 -6.98
C LEU A 185 1.82 10.01 -7.27
N LEU A 186 2.25 10.87 -8.22
CA LEU A 186 3.55 10.79 -8.88
C LEU A 186 3.76 9.42 -9.56
N VAL A 187 2.69 8.93 -10.18
CA VAL A 187 2.75 7.68 -10.95
C VAL A 187 2.58 8.04 -12.43
N ALA A 188 3.51 7.58 -13.27
CA ALA A 188 3.38 7.76 -14.73
C ALA A 188 2.22 6.88 -15.25
N TYR A 189 1.25 7.49 -15.93
CA TYR A 189 0.10 6.77 -16.47
C TYR A 189 -0.55 7.57 -17.59
N MET B 4 20.71 -11.51 15.05
CA MET B 4 21.48 -10.65 14.09
C MET B 4 20.57 -9.75 13.26
N SER B 5 19.27 -9.81 13.53
CA SER B 5 18.32 -9.10 12.69
C SER B 5 18.46 -7.58 12.89
N LYS B 6 17.75 -6.83 12.06
CA LYS B 6 17.70 -5.39 12.11
C LYS B 6 16.27 -5.03 12.48
N SER B 7 16.07 -3.79 12.94
CA SER B 7 14.77 -3.36 13.42
C SER B 7 14.37 -2.01 12.79
N ALA B 8 13.06 -1.83 12.61
CA ALA B 8 12.49 -0.62 12.09
C ALA B 8 11.28 -0.24 12.94
N LEU B 9 11.25 1.02 13.37
CA LEU B 9 10.03 1.62 13.91
C LEU B 9 9.29 2.34 12.80
N VAL B 10 8.05 1.91 12.52
CA VAL B 10 7.20 2.67 11.62
C VAL B 10 6.13 3.34 12.46
N ILE B 11 6.10 4.68 12.41
CA ILE B 11 5.14 5.45 13.21
C ILE B 11 3.84 5.63 12.41
N LEU B 12 2.73 5.08 12.92
CA LEU B 12 1.45 5.23 12.25
C LEU B 12 0.60 6.31 12.91
N ALA B 13 0.31 7.38 12.19
CA ALA B 13 -0.38 8.54 12.78
C ALA B 13 -1.71 8.81 12.08
N PRO B 14 -2.69 9.43 12.78
CA PRO B 14 -3.97 9.73 12.13
C PRO B 14 -3.81 10.62 10.89
N GLY B 15 -4.50 10.26 9.81
CA GLY B 15 -4.36 10.96 8.54
C GLY B 15 -3.16 10.47 7.74
N ALA B 16 -2.51 9.39 8.20
CA ALA B 16 -1.34 8.86 7.50
C ALA B 16 -1.78 8.48 6.10
N GLU B 17 -0.87 8.65 5.14
CA GLU B 17 -1.09 8.18 3.80
C GLU B 17 -0.91 6.66 3.87
N GLU B 18 -2.01 5.93 3.74
CA GLU B 18 -1.97 4.49 4.09
C GLU B 18 -1.12 3.63 3.15
N MET B 19 -1.02 4.06 1.89
CA MET B 19 -0.29 3.29 0.90
C MET B 19 1.19 3.28 1.27
N GLU B 20 1.74 4.47 1.54
CA GLU B 20 3.18 4.62 1.83
C GLU B 20 3.46 3.91 3.13
N PHE B 21 2.53 4.03 4.07
CA PHE B 21 2.65 3.29 5.30
C PHE B 21 2.72 1.77 5.07
N ILE B 22 1.71 1.22 4.37
CA ILE B 22 1.65 -0.24 4.23
C ILE B 22 2.88 -0.74 3.44
N ILE B 23 3.23 -0.02 2.37
CA ILE B 23 4.40 -0.41 1.55
C ILE B 23 5.67 -0.48 2.41
N ALA B 24 5.88 0.52 3.27
CA ALA B 24 7.02 0.52 4.21
C ALA B 24 7.00 -0.68 5.13
N ALA B 25 5.85 -0.95 5.78
CA ALA B 25 5.80 -2.05 6.74
C ALA B 25 6.00 -3.41 6.06
N ASP B 26 5.33 -3.59 4.93
CA ASP B 26 5.32 -4.85 4.21
C ASP B 26 6.75 -5.15 3.60
N VAL B 27 7.27 -4.20 2.84
CA VAL B 27 8.56 -4.38 2.16
C VAL B 27 9.66 -4.66 3.19
N LEU B 28 9.72 -3.86 4.25
CA LEU B 28 10.69 -4.15 5.32
C LEU B 28 10.52 -5.51 5.95
N ARG B 29 9.27 -5.93 6.17
CA ARG B 29 9.05 -7.30 6.71
C ARG B 29 9.52 -8.40 5.72
N ARG B 30 9.26 -8.21 4.44
CA ARG B 30 9.75 -9.11 3.40
C ARG B 30 11.30 -9.22 3.44
N ALA B 31 11.98 -8.13 3.75
CA ALA B 31 13.46 -8.10 3.82
C ALA B 31 14.04 -8.73 5.08
N GLY B 32 13.18 -9.25 5.95
CA GLY B 32 13.63 -9.93 7.17
C GLY B 32 13.92 -8.95 8.31
N ILE B 33 13.43 -7.73 8.19
CA ILE B 33 13.62 -6.70 9.24
C ILE B 33 12.45 -6.79 10.24
N LYS B 34 12.78 -6.70 11.52
CA LYS B 34 11.76 -6.77 12.56
C LYS B 34 11.06 -5.42 12.61
N VAL B 35 9.81 -5.39 12.15
CA VAL B 35 9.06 -4.13 12.14
C VAL B 35 8.09 -3.93 13.31
N THR B 36 8.19 -2.77 13.96
CA THR B 36 7.22 -2.44 14.98
C THR B 36 6.37 -1.31 14.44
N VAL B 37 5.08 -1.55 14.28
CA VAL B 37 4.16 -0.49 13.89
C VAL B 37 3.61 0.13 15.16
N ALA B 38 3.86 1.41 15.35
CA ALA B 38 3.60 2.04 16.66
C ALA B 38 2.63 3.17 16.43
N GLY B 39 1.46 3.08 17.06
CA GLY B 39 0.48 4.15 16.94
C GLY B 39 0.93 5.41 17.67
N LEU B 40 0.89 6.53 16.95
CA LEU B 40 1.20 7.85 17.49
C LEU B 40 0.59 8.10 18.88
N ASN B 41 -0.73 7.98 18.96
CA ASN B 41 -1.44 8.43 20.16
C ASN B 41 -1.84 7.27 21.07
N GLY B 42 -1.36 6.08 20.78
CA GLY B 42 -1.73 4.89 21.58
C GLY B 42 -1.81 3.65 20.72
N GLY B 43 -2.38 2.58 21.30
CA GLY B 43 -2.44 1.28 20.64
C GLY B 43 -3.71 1.03 19.83
N GLU B 44 -4.59 2.02 19.73
CA GLU B 44 -5.91 1.82 19.08
C GLU B 44 -5.85 2.03 17.55
N ALA B 45 -6.89 1.61 16.82
CA ALA B 45 -6.86 1.69 15.36
C ALA B 45 -6.58 3.12 14.93
N VAL B 46 -5.90 3.29 13.81
CA VAL B 46 -5.57 4.63 13.33
C VAL B 46 -6.35 4.82 12.03
N LYS B 47 -7.20 5.85 11.99
CA LYS B 47 -7.87 6.21 10.74
C LYS B 47 -6.91 6.97 9.80
N CYS B 48 -6.73 6.46 8.58
CA CYS B 48 -5.77 7.03 7.60
C CYS B 48 -6.43 8.03 6.60
N SER B 49 -5.63 8.67 5.75
CA SER B 49 -6.08 9.74 4.84
C SER B 49 -7.29 9.40 3.99
N ARG B 50 -7.44 8.14 3.62
CA ARG B 50 -8.54 7.75 2.77
C ARG B 50 -9.50 6.78 3.49
N ASP B 51 -9.58 6.97 4.82
CA ASP B 51 -10.52 6.26 5.69
C ASP B 51 -10.26 4.76 5.88
N VAL B 52 -9.06 4.30 5.61
CA VAL B 52 -8.71 2.93 5.93
C VAL B 52 -8.23 2.92 7.39
N GLN B 53 -8.67 1.94 8.15
CA GLN B 53 -8.34 1.91 9.55
C GLN B 53 -7.42 0.76 9.85
N ILE B 54 -6.26 1.07 10.44
CA ILE B 54 -5.18 0.09 10.68
C ILE B 54 -4.83 -0.04 12.16
N LEU B 55 -4.77 -1.28 12.64
CA LEU B 55 -4.39 -1.57 14.01
C LEU B 55 -2.90 -1.57 14.10
N PRO B 56 -2.35 -0.73 15.00
CA PRO B 56 -0.89 -0.76 15.21
C PRO B 56 -0.48 -2.00 16.01
N ASP B 57 0.79 -2.38 15.96
CA ASP B 57 1.30 -3.43 16.85
C ASP B 57 1.28 -2.95 18.31
N THR B 58 1.67 -1.70 18.54
CA THR B 58 1.77 -1.16 19.87
C THR B 58 1.66 0.36 19.79
N SER B 59 1.72 1.05 20.95
CA SER B 59 1.80 2.53 21.00
C SER B 59 3.25 3.02 20.88
N LEU B 60 3.42 4.23 20.34
CA LEU B 60 4.75 4.88 20.32
C LEU B 60 5.33 4.94 21.73
N ALA B 61 4.49 5.32 22.70
CA ALA B 61 4.92 5.47 24.09
C ALA B 61 5.60 4.22 24.62
N GLN B 62 5.08 3.07 24.22
CA GLN B 62 5.58 1.80 24.74
C GLN B 62 6.96 1.36 24.17
N VAL B 63 7.37 1.94 23.04
CA VAL B 63 8.69 1.60 22.46
C VAL B 63 9.72 2.73 22.60
N ALA B 64 9.39 3.70 23.46
CA ALA B 64 10.18 4.88 23.76
C ALA B 64 11.60 4.69 24.28
N SER B 65 11.88 3.59 24.99
CA SER B 65 13.25 3.30 25.44
C SER B 65 13.92 2.27 24.52
N ASP B 66 13.23 1.89 23.46
CA ASP B 66 13.79 0.96 22.48
C ASP B 66 14.70 1.67 21.48
N LYS B 67 15.73 0.96 21.02
CA LYS B 67 16.62 1.45 19.98
C LYS B 67 16.19 0.72 18.72
N PHE B 68 15.95 1.47 17.63
CA PHE B 68 15.63 0.90 16.32
C PHE B 68 16.72 1.27 15.35
N ASP B 69 17.00 0.41 14.37
CA ASP B 69 18.02 0.74 13.36
C ASP B 69 17.50 1.79 12.37
N VAL B 70 16.17 1.89 12.26
CA VAL B 70 15.56 2.94 11.48
C VAL B 70 14.22 3.37 12.10
N VAL B 71 13.98 4.66 12.02
CA VAL B 71 12.68 5.24 12.33
C VAL B 71 12.08 5.76 11.03
N VAL B 72 10.91 5.23 10.68
CA VAL B 72 10.29 5.52 9.39
C VAL B 72 9.05 6.40 9.60
N LEU B 73 8.96 7.49 8.84
CA LEU B 73 7.80 8.37 8.90
C LEU B 73 7.05 8.32 7.56
N PRO B 74 5.88 7.62 7.55
CA PRO B 74 5.04 7.72 6.33
C PRO B 74 4.55 9.17 6.12
N GLY B 75 4.06 9.50 4.93
CA GLY B 75 3.56 10.85 4.66
C GLY B 75 2.06 10.98 4.81
N GLY B 76 1.44 11.85 4.01
CA GLY B 76 0.08 12.28 4.22
C GLY B 76 0.12 13.55 5.08
N LEU B 77 -0.64 14.55 4.70
CA LEU B 77 -0.55 15.86 5.38
C LEU B 77 -1.06 15.84 6.84
N GLY B 78 -2.20 15.19 7.05
CA GLY B 78 -2.74 15.06 8.41
C GLY B 78 -1.73 14.32 9.29
N GLY B 79 -1.21 13.21 8.79
CA GLY B 79 -0.21 12.41 9.50
C GLY B 79 1.06 13.20 9.87
N SER B 80 1.60 13.93 8.89
CA SER B 80 2.80 14.75 9.06
CA SER B 80 2.81 14.71 9.10
C SER B 80 2.59 15.83 10.13
N ASN B 81 1.46 16.54 10.03
CA ASN B 81 1.10 17.60 10.97
C ASN B 81 0.98 17.02 12.39
N ALA B 82 0.32 15.87 12.54
CA ALA B 82 0.17 15.26 13.87
C ALA B 82 1.55 14.89 14.45
N MET B 83 2.42 14.30 13.60
CA MET B 83 3.76 13.92 14.06
C MET B 83 4.62 15.13 14.46
N GLY B 84 4.43 16.22 13.72
CA GLY B 84 5.12 17.50 13.90
C GLY B 84 4.79 18.16 15.22
N GLU B 85 3.55 18.00 15.68
CA GLU B 85 3.11 18.49 16.98
C GLU B 85 3.49 17.60 18.18
N SER B 86 4.03 16.41 17.92
CA SER B 86 4.24 15.46 19.01
C SER B 86 5.65 15.56 19.60
N SER B 87 5.73 15.93 20.88
CA SER B 87 7.01 16.05 21.58
C SER B 87 7.74 14.69 21.65
N LEU B 88 6.97 13.60 21.72
CA LEU B 88 7.51 12.25 21.77
C LEU B 88 8.19 11.92 20.44
N VAL B 89 7.58 12.31 19.31
CA VAL B 89 8.22 12.15 17.99
C VAL B 89 9.54 12.91 17.95
N GLY B 90 9.49 14.16 18.38
CA GLY B 90 10.67 15.01 18.53
C GLY B 90 11.76 14.31 19.33
N ASP B 91 11.44 13.90 20.55
CA ASP B 91 12.40 13.20 21.43
C ASP B 91 13.06 11.99 20.75
N LEU B 92 12.26 11.20 20.02
CA LEU B 92 12.78 9.99 19.38
C LEU B 92 13.60 10.29 18.12
N LEU B 93 13.18 11.28 17.34
CA LEU B 93 13.99 11.76 16.21
C LEU B 93 15.36 12.32 16.67
N ARG B 94 15.35 13.12 17.73
CA ARG B 94 16.58 13.68 18.25
C ARG B 94 17.53 12.60 18.78
N SER B 95 16.96 11.60 19.45
CA SER B 95 17.72 10.49 20.02
C SER B 95 18.28 9.63 18.88
N GLN B 96 17.44 9.37 17.88
CA GLN B 96 17.82 8.62 16.70
C GLN B 96 18.96 9.35 16.01
N GLU B 97 18.82 10.66 15.90
CA GLU B 97 19.84 11.47 15.26
C GLU B 97 21.16 11.51 16.03
N SER B 98 21.11 11.71 17.35
CA SER B 98 22.33 11.68 18.16
C SER B 98 22.98 10.30 18.13
N GLY B 99 22.15 9.28 17.92
CA GLY B 99 22.60 7.91 18.07
C GLY B 99 23.27 7.37 16.83
N GLY B 100 23.27 8.16 15.76
CA GLY B 100 23.80 7.70 14.47
C GLY B 100 22.86 6.83 13.67
N GLY B 101 21.63 6.66 14.15
CA GLY B 101 20.65 5.79 13.50
C GLY B 101 19.98 6.38 12.28
N LEU B 102 19.39 5.52 11.47
CA LEU B 102 18.67 5.95 10.26
C LEU B 102 17.30 6.62 10.50
N ILE B 103 17.01 7.65 9.74
CA ILE B 103 15.67 8.27 9.73
C ILE B 103 15.17 8.29 8.29
N ALA B 104 13.93 7.84 8.06
CA ALA B 104 13.33 7.85 6.73
C ALA B 104 11.95 8.51 6.71
N ALA B 105 11.75 9.41 5.77
CA ALA B 105 10.54 10.20 5.72
C ALA B 105 10.13 10.43 4.26
N ILE B 106 8.89 10.08 3.95
CA ILE B 106 8.36 10.19 2.57
C ILE B 106 7.23 11.21 2.47
N CYS B 107 7.17 11.98 1.38
CA CYS B 107 5.97 12.76 0.99
C CYS B 107 5.94 14.08 1.75
N ALA B 108 5.02 14.24 2.69
CA ALA B 108 4.96 15.44 3.55
C ALA B 108 5.76 15.25 4.84
N ALA B 109 6.03 14.00 5.18
CA ALA B 109 6.79 13.67 6.39
C ALA B 109 8.14 14.38 6.62
N PRO B 110 8.85 14.76 5.53
CA PRO B 110 10.07 15.53 5.85
C PRO B 110 9.83 16.81 6.64
N THR B 111 8.68 17.45 6.46
CA THR B 111 8.36 18.63 7.25
C THR B 111 8.33 18.27 8.75
N VAL B 112 8.15 17.00 9.08
CA VAL B 112 8.23 16.59 10.50
C VAL B 112 9.61 16.95 11.05
N LEU B 113 10.66 16.73 10.27
CA LEU B 113 12.01 17.06 10.74
C LEU B 113 12.19 18.56 10.89
N ALA B 114 11.58 19.32 9.98
CA ALA B 114 11.60 20.78 10.09
C ALA B 114 10.92 21.23 11.38
N LYS B 115 9.74 20.68 11.67
CA LYS B 115 8.99 21.08 12.88
C LYS B 115 9.74 20.76 14.16
N HIS B 116 10.55 19.71 14.15
CA HIS B 116 11.29 19.32 15.33
C HIS B 116 12.75 19.78 15.34
N GLY B 117 13.16 20.58 14.34
CA GLY B 117 14.53 21.08 14.25
C GLY B 117 15.55 19.96 14.11
N VAL B 118 15.20 18.94 13.33
CA VAL B 118 16.04 17.76 13.15
C VAL B 118 16.69 17.75 11.74
N ALA B 119 17.95 17.31 11.70
CA ALA B 119 18.78 17.21 10.47
C ALA B 119 18.92 18.51 9.68
N SER B 120 18.99 19.66 10.36
CA SER B 120 19.08 20.95 9.64
C SER B 120 20.20 20.99 8.61
N GLY B 121 19.91 21.55 7.45
CA GLY B 121 20.94 21.68 6.40
C GLY B 121 21.18 20.44 5.56
N LYS B 122 20.62 19.29 5.94
CA LYS B 122 20.78 18.06 5.15
C LYS B 122 20.08 18.13 3.79
N SER B 123 20.57 17.31 2.87
CA SER B 123 19.98 17.17 1.54
C SER B 123 18.74 16.28 1.69
N LEU B 124 17.60 16.73 1.19
CA LEU B 124 16.39 15.94 1.20
C LEU B 124 15.45 16.26 0.00
N THR B 125 14.46 15.44 -0.23
CA THR B 125 13.37 15.79 -1.14
C THR B 125 12.06 15.65 -0.36
N SER B 126 10.91 15.80 -1.03
CA SER B 126 9.60 15.66 -0.38
C SER B 126 8.53 15.58 -1.46
N TYR B 127 7.25 15.48 -1.08
CA TYR B 127 6.19 15.74 -2.05
C TYR B 127 6.41 17.15 -2.69
N PRO B 128 6.39 17.23 -4.04
CA PRO B 128 6.79 18.40 -4.81
C PRO B 128 6.12 19.68 -4.30
N SER B 129 4.84 19.60 -3.93
CA SER B 129 4.17 20.86 -3.55
C SER B 129 4.60 21.31 -2.14
N MET B 130 5.22 20.41 -1.39
CA MET B 130 5.71 20.79 -0.07
C MET B 130 7.08 21.52 -0.08
N LYS B 131 7.73 21.60 -1.26
CA LYS B 131 9.04 22.26 -1.39
C LYS B 131 9.22 23.60 -0.60
N PRO B 132 8.29 24.58 -0.77
CA PRO B 132 8.50 25.84 -0.04
C PRO B 132 8.69 25.75 1.47
N GLN B 133 8.11 24.74 2.12
CA GLN B 133 8.30 24.52 3.56
C GLN B 133 9.73 24.12 3.92
N LEU B 134 10.49 23.66 2.92
CA LEU B 134 11.75 22.99 3.20
C LEU B 134 13.02 23.69 2.69
N VAL B 135 12.87 24.62 1.75
CA VAL B 135 14.03 25.22 1.08
C VAL B 135 14.96 26.03 2.02
N ASN B 136 14.41 26.58 3.09
CA ASN B 136 15.18 27.51 3.93
C ASN B 136 16.22 26.82 4.81
N ASN B 137 15.80 25.72 5.41
CA ASN B 137 16.59 25.08 6.44
C ASN B 137 17.18 23.75 5.98
N TYR B 138 16.97 23.41 4.71
CA TYR B 138 17.47 22.14 4.14
C TYR B 138 17.95 22.39 2.72
N SER B 139 18.80 21.50 2.25
CA SER B 139 19.24 21.55 0.87
C SER B 139 18.31 20.67 0.02
N TYR B 140 17.35 21.32 -0.64
CA TYR B 140 16.26 20.61 -1.32
C TYR B 140 16.73 20.12 -2.68
N VAL B 141 16.38 18.88 -3.00
CA VAL B 141 16.77 18.25 -4.27
C VAL B 141 15.47 17.97 -5.04
N ASP B 142 15.32 18.66 -6.17
CA ASP B 142 14.09 18.63 -6.95
C ASP B 142 13.75 17.36 -7.71
N ASP B 143 14.69 16.84 -8.48
CA ASP B 143 14.30 15.90 -9.50
C ASP B 143 14.84 14.52 -9.14
N LYS B 144 14.38 13.97 -8.03
CA LYS B 144 14.96 12.72 -7.51
C LYS B 144 14.00 11.99 -6.58
N THR B 145 13.68 10.75 -6.93
CA THR B 145 12.66 9.96 -6.24
C THR B 145 13.01 9.56 -4.81
N VAL B 146 14.29 9.31 -4.55
CA VAL B 146 14.76 8.91 -3.22
C VAL B 146 16.11 9.59 -2.98
N VAL B 147 16.24 10.26 -1.85
CA VAL B 147 17.42 11.04 -1.55
C VAL B 147 18.00 10.58 -0.22
N LYS B 148 19.28 10.26 -0.25
CA LYS B 148 19.99 9.86 0.95
C LYS B 148 21.09 10.89 1.25
N ASP B 149 21.11 11.36 2.49
CA ASP B 149 22.20 12.17 2.98
C ASP B 149 22.59 11.58 4.34
N GLY B 150 23.72 10.85 4.37
CA GLY B 150 24.18 10.24 5.62
C GLY B 150 23.12 9.28 6.13
N ASN B 151 22.64 9.54 7.34
CA ASN B 151 21.63 8.70 7.94
C ASN B 151 20.18 9.22 7.74
N LEU B 152 20.00 10.09 6.75
CA LEU B 152 18.66 10.56 6.37
C LEU B 152 18.27 10.10 4.97
N ILE B 153 17.10 9.45 4.86
CA ILE B 153 16.53 9.00 3.58
C ILE B 153 15.16 9.68 3.38
N THR B 154 14.95 10.31 2.24
CA THR B 154 13.66 10.92 1.98
C THR B 154 13.21 10.59 0.57
N SER B 155 11.91 10.74 0.34
CA SER B 155 11.29 10.35 -0.93
C SER B 155 10.02 11.17 -1.09
N ARG B 156 9.30 10.99 -2.19
CA ARG B 156 8.35 11.99 -2.67
C ARG B 156 6.87 11.66 -2.52
N GLY B 157 6.47 10.42 -2.76
CA GLY B 157 5.03 10.17 -2.78
C GLY B 157 4.70 8.72 -3.05
N PRO B 158 3.41 8.42 -3.23
CA PRO B 158 2.99 7.03 -3.51
C PRO B 158 3.82 6.38 -4.63
N GLY B 159 4.09 7.14 -5.70
CA GLY B 159 4.81 6.66 -6.85
C GLY B 159 6.28 6.38 -6.61
N THR B 160 6.77 6.78 -5.44
CA THR B 160 8.15 6.52 -5.08
C THR B 160 8.23 5.65 -3.82
N ALA B 161 7.09 5.12 -3.35
CA ALA B 161 7.02 4.38 -2.05
C ALA B 161 7.80 3.05 -2.04
N TYR B 162 7.75 2.32 -3.15
CA TYR B 162 8.48 1.04 -3.27
C TYR B 162 9.98 1.27 -3.20
N GLU B 163 10.44 2.24 -3.98
CA GLU B 163 11.84 2.55 -4.01
C GLU B 163 12.29 3.08 -2.64
N PHE B 164 11.51 3.94 -2.03
CA PHE B 164 11.78 4.42 -0.66
C PHE B 164 12.01 3.21 0.31
N ALA B 165 11.09 2.28 0.29
CA ALA B 165 11.11 1.16 1.23
C ALA B 165 12.27 0.20 0.93
N LEU B 166 12.53 0.00 -0.37
CA LEU B 166 13.60 -0.86 -0.82
C LEU B 166 14.98 -0.23 -0.51
N LYS B 167 15.04 1.10 -0.57
CA LYS B 167 16.25 1.83 -0.19
C LYS B 167 16.54 1.66 1.29
N ILE B 168 15.51 1.77 2.14
CA ILE B 168 15.72 1.50 3.58
C ILE B 168 16.13 0.03 3.76
N ALA B 169 15.39 -0.86 3.10
CA ALA B 169 15.68 -2.30 3.24
C ALA B 169 17.13 -2.62 2.89
N GLU B 170 17.64 -1.97 1.86
CA GLU B 170 18.98 -2.20 1.39
C GLU B 170 20.02 -1.81 2.45
N GLU B 171 19.84 -0.63 3.06
CA GLU B 171 20.72 -0.17 4.14
C GLU B 171 20.80 -1.12 5.33
N LEU B 172 19.66 -1.73 5.65
CA LEU B 172 19.55 -2.57 6.83
C LEU B 172 19.88 -4.03 6.52
N ALA B 173 19.35 -4.52 5.40
CA ALA B 173 19.45 -5.94 5.04
C ALA B 173 20.52 -6.29 4.01
N GLY B 174 20.95 -5.31 3.21
CA GLY B 174 22.02 -5.55 2.23
C GLY B 174 21.47 -5.78 0.82
N LYS B 175 22.39 -5.78 -0.13
CA LYS B 175 22.09 -5.76 -1.56
C LYS B 175 21.43 -7.06 -2.05
N GLU B 176 21.95 -8.22 -1.63
CA GLU B 176 21.42 -9.52 -2.08
C GLU B 176 19.99 -9.70 -1.59
N LYS B 177 19.75 -9.39 -0.31
CA LYS B 177 18.40 -9.50 0.24
C LYS B 177 17.37 -8.62 -0.45
N VAL B 178 17.72 -7.35 -0.67
CA VAL B 178 16.81 -6.44 -1.34
C VAL B 178 16.58 -6.76 -2.81
N GLN B 179 17.59 -7.26 -3.51
CA GLN B 179 17.39 -7.81 -4.87
C GLN B 179 16.35 -8.96 -4.85
N GLU B 180 16.49 -9.91 -3.93
CA GLU B 180 15.47 -10.97 -3.83
C GLU B 180 14.09 -10.39 -3.52
N VAL B 181 14.04 -9.40 -2.64
CA VAL B 181 12.75 -8.86 -2.24
C VAL B 181 12.10 -8.12 -3.43
N ALA B 182 12.88 -7.27 -4.10
CA ALA B 182 12.46 -6.54 -5.31
C ALA B 182 11.98 -7.48 -6.42
N LYS B 183 12.72 -8.57 -6.61
CA LYS B 183 12.32 -9.61 -7.57
C LYS B 183 10.91 -10.16 -7.24
N GLY B 184 10.72 -10.54 -5.97
CA GLY B 184 9.43 -11.05 -5.48
C GLY B 184 8.31 -10.01 -5.66
N LEU B 185 8.64 -8.75 -5.41
CA LEU B 185 7.64 -7.70 -5.56
C LEU B 185 7.22 -7.41 -7.01
N LEU B 186 7.98 -7.92 -7.99
CA LEU B 186 7.92 -7.47 -9.42
C LEU B 186 8.24 -5.98 -9.58
N VAL B 187 9.22 -5.51 -8.81
CA VAL B 187 9.68 -4.13 -8.85
C VAL B 187 11.09 -4.10 -9.37
N ALA B 188 11.32 -3.35 -10.45
CA ALA B 188 12.68 -3.19 -10.89
C ALA B 188 13.45 -2.28 -9.92
N TYR B 189 14.60 -2.77 -9.45
CA TYR B 189 15.42 -2.03 -8.47
C TYR B 189 16.88 -2.39 -8.65
S SO4 C . -27.28 -5.03 10.05
O1 SO4 C . -28.72 -4.83 10.07
O2 SO4 C . -26.67 -3.94 10.79
O3 SO4 C . -26.97 -6.30 10.71
O4 SO4 C . -26.74 -5.03 8.68
#